data_2ADJ
#
_entry.id   2ADJ
#
_cell.length_a   97.224
_cell.length_b   97.224
_cell.length_c   110.976
_cell.angle_alpha   90.00
_cell.angle_beta   90.00
_cell.angle_gamma   90.00
#
_symmetry.space_group_name_H-M   'P 43 21 2'
#
loop_
_entity.id
_entity.type
_entity.pdbx_description
1 polymer 'Q425 Fab Light chain'
2 polymer 'Q425 Fab Heavy chain'
3 non-polymer 'CALCIUM ION'
4 water water
#
loop_
_entity_poly.entity_id
_entity_poly.type
_entity_poly.pdbx_seq_one_letter_code
_entity_poly.pdbx_strand_id
1 'polypeptide(L)'
;ETTVTQSPASLSVAIGEKVTIRCITSTDIDDDMNWYQQKPGEPPKFFISEGNTLRPGVPSRFSSSGYGTDFVFTIENMLS
EDVADYYCLQSDTLPLTFGSGTKLEIKRADAAPTVSIFPPSSEQLTSGGASVVCFLNNFYPKDINVKWKIDGSERQNGVL
NSWTDQDSKDSTYSMSSTLTLTKDEYERHNSYTCEATHKTSTSPIVKSFNRNEC
;
A
2 'polypeptide(L)'
;EVQLVESGGDLVKPGGSLKLSCAASGFTFSSYGMSWVRQTPDKGLEWVATISSGGSYTYYPDNVKGRFTISRDNAKNTLY
LQMSSLKSEDTAMYYCARHEDGNWNYFDYWGQGTTLTVSSAKTTPPSVYPLAPGSAAQTNSMVTLGCLVKGYFPEPVTVT
WNSGSLSSGVHTFPAVLQSDLYTLSSSVTVPSSTWPSETVTCNVAHPASSTKVDKKIVPRDC
;
B
#
# COMPACT_ATOMS: atom_id res chain seq x y z
N GLU A 1 -10.48 12.04 24.97
CA GLU A 1 -9.34 11.43 24.22
C GLU A 1 -8.27 12.48 23.88
N THR A 2 -7.01 12.06 23.87
CA THR A 2 -5.91 12.96 23.55
C THR A 2 -5.72 12.96 22.05
N THR A 3 -5.69 14.15 21.46
CA THR A 3 -5.53 14.31 20.03
C THR A 3 -4.10 14.55 19.63
N VAL A 4 -3.48 13.55 19.02
CA VAL A 4 -2.11 13.72 18.57
C VAL A 4 -2.22 14.34 17.20
N THR A 5 -1.42 15.37 16.95
CA THR A 5 -1.42 16.05 15.66
C THR A 5 -0.03 15.98 15.07
N GLN A 6 0.10 15.39 13.89
CA GLN A 6 1.41 15.28 13.28
C GLN A 6 1.63 16.34 12.21
N SER A 7 2.89 16.63 11.92
CA SER A 7 3.27 17.62 10.92
C SER A 7 4.77 17.56 10.65
N PRO A 8 5.17 17.74 9.37
CA PRO A 8 4.30 18.00 8.23
C PRO A 8 3.67 16.70 7.76
N ALA A 9 2.66 16.80 6.90
CA ALA A 9 2.00 15.62 6.41
C ALA A 9 3.03 14.87 5.58
N SER A 10 3.51 15.50 4.53
CA SER A 10 4.52 14.88 3.70
C SER A 10 5.72 15.80 3.80
N LEU A 11 6.79 15.45 3.09
CA LEU A 11 8.00 16.26 3.16
C LEU A 11 9.06 15.66 2.27
N SER A 12 9.30 16.31 1.14
CA SER A 12 10.31 15.86 0.17
C SER A 12 11.68 16.48 0.42
N VAL A 13 12.49 15.84 1.26
CA VAL A 13 13.81 16.34 1.58
C VAL A 13 14.84 15.60 0.73
N ALA A 14 16.08 16.12 0.67
CA ALA A 14 17.15 15.48 -0.12
C ALA A 14 18.34 15.04 0.76
N ILE A 15 18.89 13.86 0.46
CA ILE A 15 20.00 13.27 1.20
C ILE A 15 20.83 14.17 2.11
N GLY A 16 20.99 13.72 3.36
CA GLY A 16 21.76 14.47 4.33
C GLY A 16 21.01 15.60 5.01
N GLU A 17 19.99 16.15 4.33
CA GLU A 17 19.21 17.24 4.92
C GLU A 17 18.60 16.83 6.25
N LYS A 18 18.34 17.81 7.10
CA LYS A 18 17.77 17.57 8.41
C LYS A 18 16.26 17.32 8.32
N VAL A 19 15.78 16.32 9.03
CA VAL A 19 14.36 15.99 9.02
C VAL A 19 13.76 16.23 10.40
N THR A 20 12.78 17.13 10.44
CA THR A 20 12.11 17.48 11.69
C THR A 20 10.63 17.14 11.62
N ILE A 21 10.16 16.40 12.62
CA ILE A 21 8.76 16.04 12.67
C ILE A 21 8.26 16.44 14.06
N ARG A 22 7.10 17.07 14.09
CA ARG A 22 6.54 17.51 15.34
C ARG A 22 5.19 16.85 15.57
N CYS A 23 4.83 16.71 16.83
CA CYS A 23 3.57 16.11 17.23
C CYS A 23 3.07 16.84 18.48
N ILE A 24 1.81 17.27 18.48
CA ILE A 24 1.27 17.95 19.64
C ILE A 24 0.06 17.23 20.22
N THR A 25 0.04 17.04 21.53
CA THR A 25 -1.11 16.38 22.13
C THR A 25 -2.07 17.40 22.74
N SER A 26 -3.37 17.17 22.56
CA SER A 26 -4.39 18.09 23.07
C SER A 26 -4.43 18.13 24.59
N THR A 27 -3.56 17.34 25.22
CA THR A 27 -3.48 17.28 26.67
C THR A 27 -2.09 16.87 27.09
N ASP A 28 -1.77 17.14 28.36
CA ASP A 28 -0.47 16.78 28.91
C ASP A 28 -0.39 15.26 29.03
N ILE A 29 0.64 14.68 28.43
CA ILE A 29 0.82 13.23 28.46
C ILE A 29 2.16 12.88 29.05
N ASP A 30 2.84 13.87 29.63
CA ASP A 30 4.17 13.71 30.23
C ASP A 30 5.19 13.35 29.14
N ASP A 31 6.02 12.33 29.40
CA ASP A 31 6.99 11.84 28.43
C ASP A 31 6.53 10.51 27.80
N ASP A 32 5.21 10.31 27.78
CA ASP A 32 4.61 9.10 27.22
C ASP A 32 4.40 9.21 25.70
N MET A 33 5.45 9.59 24.97
CA MET A 33 5.38 9.73 23.52
C MET A 33 6.33 8.77 22.84
N ASN A 34 5.87 8.08 21.78
CA ASN A 34 6.69 7.10 21.06
C ASN A 34 6.66 7.34 19.54
N TRP A 35 7.73 6.94 18.87
CA TRP A 35 7.83 7.14 17.42
C TRP A 35 8.07 5.84 16.63
N TYR A 36 7.48 5.74 15.43
CA TYR A 36 7.62 4.56 14.61
C TYR A 36 7.98 4.83 13.16
N GLN A 37 8.69 3.88 12.56
CA GLN A 37 9.10 3.96 11.18
C GLN A 37 8.45 2.81 10.43
N GLN A 38 7.90 3.07 9.24
CA GLN A 38 7.28 2.02 8.47
C GLN A 38 7.54 2.11 6.99
N LYS A 39 8.34 1.19 6.46
CA LYS A 39 8.65 1.16 5.03
C LYS A 39 7.52 0.41 4.30
N PRO A 40 7.40 0.61 2.98
CA PRO A 40 6.38 0.00 2.11
C PRO A 40 6.18 -1.51 2.28
N GLY A 41 4.96 -1.89 2.64
CA GLY A 41 4.67 -3.30 2.85
C GLY A 41 5.56 -3.80 3.96
N GLU A 42 5.08 -3.73 5.19
CA GLU A 42 5.85 -4.15 6.35
C GLU A 42 5.21 -3.56 7.57
N PRO A 43 5.39 -4.18 8.72
CA PRO A 43 4.77 -3.62 9.92
C PRO A 43 5.55 -2.41 10.42
N PRO A 44 4.98 -1.68 11.38
CA PRO A 44 5.72 -0.51 11.87
C PRO A 44 6.87 -1.02 12.73
N LYS A 45 7.98 -0.28 12.74
CA LYS A 45 9.14 -0.65 13.52
C LYS A 45 9.30 0.35 14.68
N PHE A 46 9.70 -0.15 15.84
CA PHE A 46 9.88 0.71 17.01
C PHE A 46 11.19 1.51 16.93
N PHE A 47 11.16 2.80 17.26
CA PHE A 47 12.36 3.64 17.19
C PHE A 47 12.66 4.47 18.44
N ILE A 48 11.64 4.93 19.14
CA ILE A 48 11.87 5.74 20.33
C ILE A 48 10.76 5.52 21.33
N SER A 49 11.12 5.06 22.52
CA SER A 49 10.11 4.79 23.54
C SER A 49 9.94 5.94 24.54
N GLU A 50 9.16 5.66 25.58
CA GLU A 50 8.86 6.60 26.66
C GLU A 50 10.09 7.23 27.29
N GLY A 51 10.03 8.55 27.50
CA GLY A 51 11.14 9.27 28.07
C GLY A 51 12.19 9.59 27.01
N ASN A 52 11.76 9.61 25.74
CA ASN A 52 12.67 9.88 24.62
C ASN A 52 13.80 8.87 24.57
N THR A 53 13.50 7.63 24.95
CA THR A 53 14.51 6.55 24.98
C THR A 53 14.81 5.93 23.62
N LEU A 54 15.89 6.36 22.98
CA LEU A 54 16.23 5.82 21.68
C LEU A 54 16.28 4.29 21.76
N ARG A 55 15.83 3.63 20.71
CA ARG A 55 15.79 2.18 20.67
C ARG A 55 17.10 1.53 20.29
N PRO A 56 17.40 0.37 20.90
CA PRO A 56 18.63 -0.41 20.67
C PRO A 56 18.69 -0.98 19.25
N GLY A 57 19.79 -0.67 18.57
CA GLY A 57 19.97 -1.13 17.20
C GLY A 57 19.61 0.01 16.28
N VAL A 58 18.98 1.04 16.85
CA VAL A 58 18.57 2.21 16.09
C VAL A 58 19.76 3.15 15.95
N PRO A 59 20.00 3.67 14.73
CA PRO A 59 21.12 4.58 14.49
C PRO A 59 21.04 5.82 15.39
N SER A 60 22.19 6.46 15.59
CA SER A 60 22.31 7.64 16.46
C SER A 60 21.88 8.98 15.84
N ARG A 61 21.41 8.97 14.60
CA ARG A 61 20.97 10.20 13.98
C ARG A 61 19.45 10.31 14.04
N PHE A 62 18.89 9.69 15.08
CA PHE A 62 17.44 9.70 15.36
C PHE A 62 17.27 10.11 16.82
N SER A 63 16.60 11.24 17.05
CA SER A 63 16.41 11.72 18.42
C SER A 63 15.01 12.26 18.69
N SER A 64 14.57 12.11 19.93
CA SER A 64 13.24 12.57 20.34
C SER A 64 13.34 13.56 21.50
N SER A 65 12.41 14.52 21.54
CA SER A 65 12.39 15.54 22.58
C SER A 65 11.00 16.02 23.03
N GLY A 66 10.86 16.31 24.32
CA GLY A 66 9.59 16.81 24.80
C GLY A 66 9.02 16.23 26.08
N TYR A 67 8.06 16.96 26.65
CA TYR A 67 7.38 16.57 27.87
C TYR A 67 6.14 17.49 28.02
N GLY A 68 4.95 16.90 28.10
CA GLY A 68 3.73 17.68 28.24
C GLY A 68 2.76 17.48 27.09
N THR A 69 2.82 18.38 26.10
CA THR A 69 1.94 18.31 24.94
C THR A 69 2.63 18.55 23.59
N ASP A 70 3.79 19.20 23.62
CA ASP A 70 4.54 19.48 22.41
C ASP A 70 5.76 18.56 22.30
N PHE A 71 5.81 17.71 21.27
CA PHE A 71 6.94 16.78 21.08
C PHE A 71 7.56 16.82 19.68
N VAL A 72 8.87 16.56 19.61
CA VAL A 72 9.60 16.62 18.34
C VAL A 72 10.57 15.46 18.05
N PHE A 73 10.37 14.82 16.89
CA PHE A 73 11.20 13.70 16.42
C PHE A 73 12.20 14.29 15.44
N THR A 74 13.44 13.81 15.51
CA THR A 74 14.48 14.32 14.64
C THR A 74 15.40 13.30 14.00
N ILE A 75 15.57 13.45 12.70
CA ILE A 75 16.49 12.61 11.91
C ILE A 75 17.48 13.69 11.51
N GLU A 76 18.76 13.46 11.81
CA GLU A 76 19.77 14.45 11.49
C GLU A 76 20.23 14.42 10.04
N ASN A 77 21.01 13.40 9.67
CA ASN A 77 21.50 13.28 8.32
C ASN A 77 20.65 12.21 7.67
N MET A 78 19.63 12.62 6.90
CA MET A 78 18.77 11.63 6.29
C MET A 78 19.41 10.85 5.15
N LEU A 79 19.56 9.55 5.41
CA LEU A 79 20.16 8.58 4.49
C LEU A 79 19.02 7.98 3.68
N SER A 80 19.29 7.66 2.41
CA SER A 80 18.26 7.10 1.53
C SER A 80 17.69 5.76 2.01
N GLU A 81 17.87 5.46 3.29
CA GLU A 81 17.35 4.24 3.89
C GLU A 81 16.51 4.71 5.08
N ASP A 82 16.02 5.95 4.96
CA ASP A 82 15.19 6.55 5.97
C ASP A 82 13.85 6.88 5.30
N VAL A 83 13.84 6.83 3.98
CA VAL A 83 12.63 7.11 3.20
C VAL A 83 11.51 6.13 3.52
N ALA A 84 10.65 6.53 4.46
CA ALA A 84 9.53 5.70 4.89
C ALA A 84 8.44 6.61 5.39
N ASP A 85 7.55 6.08 6.22
CA ASP A 85 6.48 6.86 6.82
C ASP A 85 6.75 6.83 8.30
N TYR A 86 6.49 7.91 9.01
CA TYR A 86 6.72 7.87 10.44
C TYR A 86 5.45 8.20 11.19
N TYR A 87 5.35 7.70 12.43
CA TYR A 87 4.17 7.95 13.23
C TYR A 87 4.50 8.12 14.71
N CYS A 88 3.82 9.04 15.37
CA CYS A 88 4.02 9.26 16.79
C CYS A 88 2.87 8.57 17.51
N LEU A 89 3.09 8.25 18.78
CA LEU A 89 2.06 7.58 19.53
C LEU A 89 2.07 8.04 20.99
N GLN A 90 0.94 8.56 21.46
CA GLN A 90 0.84 8.98 22.86
C GLN A 90 0.49 7.71 23.61
N SER A 91 0.95 7.58 24.85
CA SER A 91 0.66 6.37 25.58
C SER A 91 0.43 6.49 27.08
N ASP A 92 -0.14 7.59 27.55
CA ASP A 92 -0.40 7.66 28.98
C ASP A 92 -1.89 7.60 29.26
N THR A 93 -2.70 7.58 28.21
CA THR A 93 -4.16 7.49 28.39
C THR A 93 -4.95 6.78 27.28
N LEU A 94 -5.57 5.66 27.65
CA LEU A 94 -6.40 4.91 26.71
C LEU A 94 -7.56 5.84 26.27
N PRO A 95 -7.98 5.78 25.00
CA PRO A 95 -7.46 4.91 23.94
C PRO A 95 -6.17 5.43 23.30
N LEU A 96 -5.18 4.56 23.13
CA LEU A 96 -3.90 4.94 22.52
C LEU A 96 -4.17 5.62 21.17
N THR A 97 -3.31 6.56 20.76
CA THR A 97 -3.53 7.25 19.49
C THR A 97 -2.24 7.67 18.76
N PHE A 98 -2.21 7.41 17.46
CA PHE A 98 -1.05 7.73 16.62
C PHE A 98 -1.24 9.02 15.86
N GLY A 99 -0.14 9.58 15.37
CA GLY A 99 -0.24 10.78 14.57
C GLY A 99 -0.71 10.24 13.23
N SER A 100 -1.11 11.11 12.31
CA SER A 100 -1.58 10.66 10.99
C SER A 100 -0.41 10.32 10.07
N GLY A 101 0.80 10.42 10.60
CA GLY A 101 1.98 10.09 9.85
C GLY A 101 2.59 11.20 9.03
N THR A 102 3.85 10.99 8.65
CA THR A 102 4.63 11.91 7.82
C THR A 102 5.36 11.05 6.82
N LYS A 103 5.04 11.19 5.54
CA LYS A 103 5.71 10.40 4.51
C LYS A 103 6.91 11.18 3.98
N LEU A 104 7.97 10.47 3.60
CA LEU A 104 9.18 11.11 3.09
C LEU A 104 9.54 10.70 1.66
N GLU A 105 9.74 11.68 0.80
CA GLU A 105 10.12 11.36 -0.56
C GLU A 105 11.55 11.83 -0.69
N ILE A 106 12.32 11.18 -1.57
CA ILE A 106 13.71 11.56 -1.80
C ILE A 106 13.73 12.69 -2.82
N LYS A 107 14.21 13.88 -2.43
CA LYS A 107 14.27 14.97 -3.37
C LYS A 107 15.44 14.64 -4.26
N ARG A 108 15.16 14.40 -5.55
CA ARG A 108 16.20 14.05 -6.52
C ARG A 108 15.99 14.66 -7.88
N ALA A 109 17.07 14.66 -8.68
CA ALA A 109 17.06 15.24 -10.02
C ALA A 109 15.80 14.96 -10.82
N ASP A 110 15.44 15.89 -11.70
CA ASP A 110 14.26 15.75 -12.54
C ASP A 110 14.48 14.61 -13.53
N ALA A 111 13.38 14.05 -14.04
CA ALA A 111 13.44 12.95 -15.00
C ALA A 111 12.21 12.95 -15.89
N ALA A 112 12.42 12.94 -17.21
CA ALA A 112 11.29 12.93 -18.14
C ALA A 112 10.74 11.50 -18.30
N PRO A 113 9.41 11.38 -18.46
CA PRO A 113 8.76 10.08 -18.62
C PRO A 113 8.91 9.38 -19.97
N THR A 114 8.83 8.05 -19.92
CA THR A 114 8.89 7.22 -21.11
C THR A 114 7.47 6.76 -21.32
N VAL A 115 6.75 7.44 -22.18
CA VAL A 115 5.37 7.13 -22.47
C VAL A 115 5.29 5.89 -23.37
N SER A 116 4.16 5.17 -23.31
CA SER A 116 3.94 3.97 -24.10
C SER A 116 2.44 3.76 -24.16
N ILE A 117 1.88 3.65 -25.36
CA ILE A 117 0.44 3.46 -25.51
C ILE A 117 0.16 2.10 -26.16
N PHE A 118 -0.89 1.42 -25.70
CA PHE A 118 -1.26 0.08 -26.22
C PHE A 118 -2.73 0.02 -26.64
N PRO A 119 -3.01 -0.44 -27.86
CA PRO A 119 -4.41 -0.53 -28.28
C PRO A 119 -5.02 -1.77 -27.62
N PRO A 120 -6.35 -1.83 -27.51
CA PRO A 120 -7.01 -3.00 -26.90
C PRO A 120 -6.75 -4.33 -27.61
N SER A 121 -6.61 -5.39 -26.80
CA SER A 121 -6.36 -6.74 -27.28
C SER A 121 -7.62 -7.38 -27.82
N SER A 122 -7.47 -8.19 -28.87
CA SER A 122 -8.60 -8.87 -29.50
C SER A 122 -9.38 -9.73 -28.53
N GLU A 123 -8.66 -10.38 -27.62
CA GLU A 123 -9.28 -11.25 -26.64
C GLU A 123 -10.28 -10.45 -25.82
N GLN A 124 -9.90 -9.25 -25.40
CA GLN A 124 -10.81 -8.42 -24.62
C GLN A 124 -11.98 -7.96 -25.49
N LEU A 125 -11.70 -7.64 -26.75
CA LEU A 125 -12.76 -7.22 -27.67
C LEU A 125 -13.78 -8.34 -27.72
N THR A 126 -13.28 -9.55 -27.99
CA THR A 126 -14.14 -10.72 -28.07
C THR A 126 -15.08 -10.84 -26.88
N SER A 127 -14.65 -10.33 -25.73
CA SER A 127 -15.47 -10.40 -24.53
C SER A 127 -16.52 -9.26 -24.52
N GLY A 128 -16.41 -8.36 -25.48
CA GLY A 128 -17.35 -7.26 -25.57
C GLY A 128 -16.88 -5.96 -24.93
N GLY A 129 -15.58 -5.80 -24.80
CA GLY A 129 -15.03 -4.59 -24.20
C GLY A 129 -13.72 -4.14 -24.85
N ALA A 130 -13.30 -2.92 -24.55
CA ALA A 130 -12.06 -2.37 -25.11
C ALA A 130 -11.36 -1.45 -24.13
N SER A 131 -10.08 -1.69 -23.90
CA SER A 131 -9.34 -0.88 -22.94
C SER A 131 -7.98 -0.46 -23.49
N VAL A 132 -7.82 0.83 -23.72
CA VAL A 132 -6.56 1.35 -24.25
C VAL A 132 -5.70 1.76 -23.07
N VAL A 133 -4.45 1.31 -23.05
CA VAL A 133 -3.57 1.62 -21.92
C VAL A 133 -2.40 2.52 -22.30
N CYS A 134 -1.91 3.27 -21.32
CA CYS A 134 -0.81 4.17 -21.56
C CYS A 134 0.11 4.20 -20.34
N PHE A 135 1.33 3.69 -20.51
CA PHE A 135 2.30 3.66 -19.42
C PHE A 135 3.23 4.87 -19.51
N LEU A 136 3.63 5.39 -18.35
CA LEU A 136 4.54 6.53 -18.29
C LEU A 136 5.52 6.20 -17.17
N ASN A 137 6.73 5.78 -17.55
CA ASN A 137 7.71 5.34 -16.55
C ASN A 137 8.95 6.15 -16.21
N ASN A 138 9.45 5.86 -15.01
CA ASN A 138 10.66 6.44 -14.42
C ASN A 138 10.84 7.94 -14.52
N PHE A 139 9.89 8.71 -14.01
CA PHE A 139 9.99 10.17 -14.03
C PHE A 139 10.02 10.79 -12.65
N TYR A 140 10.16 12.10 -12.60
CA TYR A 140 10.19 12.82 -11.34
C TYR A 140 10.08 14.32 -11.59
N PRO A 141 9.29 15.02 -10.77
CA PRO A 141 8.50 14.53 -9.62
C PRO A 141 7.17 13.88 -10.03
N LYS A 142 6.47 13.30 -9.06
CA LYS A 142 5.20 12.63 -9.31
C LYS A 142 4.22 13.55 -10.02
N ASP A 143 4.23 14.82 -9.63
CA ASP A 143 3.34 15.83 -10.18
C ASP A 143 3.34 15.83 -11.71
N ILE A 144 2.50 14.98 -12.27
CA ILE A 144 2.37 14.86 -13.71
C ILE A 144 0.89 14.95 -14.11
N ASN A 145 0.62 15.15 -15.39
CA ASN A 145 -0.76 15.28 -15.87
C ASN A 145 -1.02 14.50 -17.16
N VAL A 146 -1.99 13.58 -17.10
CA VAL A 146 -2.31 12.79 -18.28
C VAL A 146 -3.71 13.08 -18.82
N LYS A 147 -3.74 13.51 -20.08
CA LYS A 147 -4.97 13.85 -20.78
C LYS A 147 -5.21 12.92 -21.97
N TRP A 148 -6.46 12.51 -22.14
CA TRP A 148 -6.85 11.62 -23.23
C TRP A 148 -7.90 12.30 -24.11
N LYS A 149 -7.78 12.11 -25.42
CA LYS A 149 -8.74 12.70 -26.34
C LYS A 149 -9.05 11.77 -27.50
N ILE A 150 -10.29 11.29 -27.52
CA ILE A 150 -10.77 10.37 -28.55
C ILE A 150 -10.97 11.05 -29.90
N ASP A 151 -10.28 10.54 -30.91
CA ASP A 151 -10.38 11.07 -32.26
C ASP A 151 -10.22 12.59 -32.28
N GLY A 152 -9.03 13.06 -31.93
CA GLY A 152 -8.75 14.48 -31.92
C GLY A 152 -9.66 15.31 -31.04
N SER A 153 -10.55 14.68 -30.28
CA SER A 153 -11.45 15.42 -29.41
C SER A 153 -10.84 15.59 -28.02
N GLU A 154 -11.58 15.18 -26.99
CA GLU A 154 -11.14 15.26 -25.60
C GLU A 154 -12.06 14.48 -24.69
N ARG A 155 -11.71 13.22 -24.40
CA ARG A 155 -12.54 12.42 -23.51
C ARG A 155 -11.86 12.30 -22.15
N GLN A 156 -12.66 12.17 -21.11
CA GLN A 156 -12.12 12.04 -19.77
C GLN A 156 -13.18 11.49 -18.83
N ASN A 157 -13.74 10.35 -19.22
CA ASN A 157 -14.75 9.70 -18.42
C ASN A 157 -14.58 8.21 -18.68
N GLY A 158 -14.16 7.48 -17.64
CA GLY A 158 -13.92 6.05 -17.78
C GLY A 158 -12.43 5.84 -17.93
N VAL A 159 -11.67 6.51 -17.06
CA VAL A 159 -10.22 6.42 -17.04
C VAL A 159 -9.68 6.12 -15.64
N LEU A 160 -8.70 5.23 -15.60
CA LEU A 160 -8.11 4.85 -14.33
C LEU A 160 -6.64 5.25 -14.28
N ASN A 161 -6.19 5.69 -13.12
CA ASN A 161 -4.80 6.09 -12.95
C ASN A 161 -4.20 5.44 -11.72
N SER A 162 -3.06 4.78 -11.90
CA SER A 162 -2.39 4.17 -10.76
C SER A 162 -0.98 4.70 -10.71
N TRP A 163 -0.48 4.95 -9.50
CA TRP A 163 0.86 5.48 -9.30
C TRP A 163 1.67 4.56 -8.41
N THR A 164 2.88 4.23 -8.85
CA THR A 164 3.76 3.36 -8.10
C THR A 164 4.49 4.18 -7.06
N ASP A 165 4.82 3.60 -5.92
CA ASP A 165 5.56 4.37 -4.92
C ASP A 165 6.88 4.75 -5.56
N GLN A 166 7.59 5.68 -4.92
CA GLN A 166 8.87 6.13 -5.44
C GLN A 166 9.83 4.95 -5.46
N ASP A 167 10.32 4.63 -6.66
CA ASP A 167 11.26 3.52 -6.86
C ASP A 167 12.38 3.58 -5.81
N SER A 168 12.76 2.41 -5.30
CA SER A 168 13.81 2.32 -4.27
C SER A 168 15.18 2.31 -4.91
N LYS A 169 15.21 2.38 -6.24
CA LYS A 169 16.44 2.34 -6.99
C LYS A 169 16.80 3.69 -7.61
N ASP A 170 15.97 4.19 -8.50
CA ASP A 170 16.24 5.49 -9.11
C ASP A 170 15.32 6.59 -8.57
N SER A 171 14.67 6.31 -7.45
CA SER A 171 13.77 7.25 -6.81
C SER A 171 12.74 7.93 -7.71
N THR A 172 12.48 7.35 -8.88
CA THR A 172 11.50 7.93 -9.81
C THR A 172 10.12 7.26 -9.76
N TYR A 173 9.11 7.98 -10.24
CA TYR A 173 7.75 7.46 -10.25
C TYR A 173 7.36 6.95 -11.62
N SER A 174 6.27 6.19 -11.64
CA SER A 174 5.74 5.62 -12.86
C SER A 174 4.23 5.53 -12.68
N MET A 175 3.50 5.65 -13.78
CA MET A 175 2.06 5.56 -13.69
C MET A 175 1.46 4.99 -14.96
N SER A 176 0.34 4.31 -14.81
CA SER A 176 -0.33 3.73 -15.94
C SER A 176 -1.71 4.36 -16.09
N SER A 177 -2.14 4.52 -17.34
CA SER A 177 -3.44 5.10 -17.64
C SER A 177 -4.27 4.19 -18.52
N THR A 178 -5.42 3.79 -18.00
CA THR A 178 -6.31 2.90 -18.72
C THR A 178 -7.60 3.60 -19.11
N LEU A 179 -7.97 3.44 -20.37
CA LEU A 179 -9.19 4.01 -20.92
C LEU A 179 -10.09 2.85 -21.33
N THR A 180 -11.18 2.68 -20.60
CA THR A 180 -12.10 1.60 -20.91
C THR A 180 -13.32 2.20 -21.59
N LEU A 181 -13.83 1.49 -22.60
CA LEU A 181 -14.99 1.94 -23.37
C LEU A 181 -15.42 0.82 -24.32
N THR A 182 -16.59 0.25 -24.07
CA THR A 182 -17.14 -0.84 -24.88
C THR A 182 -16.58 -0.89 -26.30
N LYS A 183 -16.39 -2.11 -26.81
CA LYS A 183 -15.86 -2.30 -28.16
C LYS A 183 -16.58 -1.43 -29.19
N ASP A 184 -17.88 -1.25 -28.99
CA ASP A 184 -18.70 -0.42 -29.86
C ASP A 184 -18.16 0.99 -29.92
N GLU A 185 -18.31 1.72 -28.82
CA GLU A 185 -17.83 3.11 -28.75
C GLU A 185 -16.35 3.17 -29.09
N TYR A 186 -15.71 2.01 -29.20
CA TYR A 186 -14.29 1.95 -29.54
C TYR A 186 -14.05 1.97 -31.04
N GLU A 187 -14.15 0.80 -31.66
CA GLU A 187 -13.91 0.67 -33.09
C GLU A 187 -14.94 1.37 -33.96
N ARG A 188 -14.80 2.69 -34.00
CA ARG A 188 -15.61 3.63 -34.76
C ARG A 188 -15.58 4.96 -34.01
N HIS A 189 -14.37 5.49 -34.02
CA HIS A 189 -13.86 6.73 -33.46
C HIS A 189 -12.48 6.35 -33.99
N ASN A 190 -11.64 7.29 -34.40
CA ASN A 190 -10.38 6.83 -34.97
C ASN A 190 -9.05 6.97 -34.26
N SER A 191 -8.66 8.19 -33.91
CA SER A 191 -7.38 8.39 -33.26
C SER A 191 -7.42 8.42 -31.74
N TYR A 192 -6.91 7.36 -31.12
CA TYR A 192 -6.84 7.29 -29.67
C TYR A 192 -5.48 7.84 -29.28
N THR A 193 -5.50 8.92 -28.52
CA THR A 193 -4.25 9.55 -28.11
C THR A 193 -4.12 9.80 -26.61
N CYS A 194 -2.89 9.66 -26.14
CA CYS A 194 -2.53 9.84 -24.74
C CYS A 194 -1.63 11.07 -24.63
N GLU A 195 -2.05 12.06 -23.86
CA GLU A 195 -1.25 13.28 -23.72
C GLU A 195 -0.83 13.53 -22.28
N ALA A 196 0.42 13.97 -22.09
CA ALA A 196 0.93 14.23 -20.76
C ALA A 196 1.49 15.64 -20.57
N THR A 197 1.60 16.05 -19.30
CA THR A 197 2.11 17.37 -18.94
C THR A 197 3.06 17.26 -17.75
N HIS A 198 4.35 17.10 -18.03
CA HIS A 198 5.33 16.98 -16.96
C HIS A 198 6.31 18.17 -17.01
N LYS A 199 6.72 18.67 -15.85
CA LYS A 199 7.62 19.82 -15.77
C LYS A 199 9.00 19.59 -16.36
N THR A 200 9.13 18.59 -17.21
CA THR A 200 10.40 18.31 -17.86
C THR A 200 10.32 18.85 -19.28
N SER A 201 9.10 18.93 -19.79
CA SER A 201 8.83 19.41 -21.15
C SER A 201 7.98 20.67 -21.11
N THR A 202 8.16 21.53 -22.11
CA THR A 202 7.41 22.79 -22.20
C THR A 202 6.11 22.60 -23.00
N SER A 203 6.12 21.64 -23.91
CA SER A 203 4.95 21.35 -24.74
C SER A 203 4.39 20.00 -24.36
N PRO A 204 3.10 19.76 -24.65
CA PRO A 204 2.43 18.49 -24.32
C PRO A 204 3.04 17.24 -24.96
N ILE A 205 3.59 16.36 -24.12
CA ILE A 205 4.17 15.11 -24.58
C ILE A 205 3.04 14.15 -24.96
N VAL A 206 2.95 13.85 -26.24
CA VAL A 206 1.90 12.99 -26.76
C VAL A 206 2.38 11.58 -27.09
N LYS A 207 1.44 10.73 -27.46
CA LYS A 207 1.68 9.33 -27.81
C LYS A 207 0.34 8.80 -28.31
N SER A 208 0.29 8.24 -29.52
CA SER A 208 -0.98 7.72 -30.04
C SER A 208 -0.88 6.77 -31.22
N PHE A 209 -1.97 6.06 -31.46
CA PHE A 209 -2.07 5.10 -32.55
C PHE A 209 -3.41 5.30 -33.24
N ASN A 210 -3.60 4.64 -34.38
CA ASN A 210 -4.83 4.74 -35.14
C ASN A 210 -5.38 3.36 -35.50
N ARG A 211 -6.70 3.23 -35.45
CA ARG A 211 -7.38 1.97 -35.78
C ARG A 211 -7.89 2.04 -37.22
N GLU B 1 14.67 -14.34 18.06
CA GLU B 1 13.95 -13.13 18.59
C GLU B 1 12.43 -13.28 18.62
N VAL B 2 11.77 -12.23 19.11
CA VAL B 2 10.30 -12.23 19.21
C VAL B 2 9.71 -12.45 17.83
N GLN B 3 8.60 -13.16 17.79
CA GLN B 3 7.92 -13.45 16.53
C GLN B 3 6.42 -13.49 16.74
N LEU B 4 5.69 -12.76 15.91
CA LEU B 4 4.24 -12.73 16.00
C LEU B 4 3.73 -13.08 14.60
N VAL B 5 2.75 -13.95 14.50
CA VAL B 5 2.23 -14.36 13.20
C VAL B 5 0.71 -14.38 13.15
N GLU B 6 0.11 -13.38 12.53
CA GLU B 6 -1.35 -13.36 12.44
C GLU B 6 -1.81 -14.33 11.35
N SER B 7 -3.12 -14.57 11.33
CA SER B 7 -3.76 -15.45 10.37
C SER B 7 -5.26 -15.30 10.55
N GLY B 8 -6.05 -15.64 9.53
CA GLY B 8 -7.48 -15.52 9.70
C GLY B 8 -8.18 -14.54 8.78
N GLY B 9 -7.43 -13.57 8.26
CA GLY B 9 -7.99 -12.59 7.35
C GLY B 9 -8.70 -13.25 6.18
N ASP B 10 -9.85 -12.73 5.80
CA ASP B 10 -10.59 -13.34 4.70
C ASP B 10 -11.58 -12.33 4.17
N LEU B 11 -12.45 -12.78 3.26
CA LEU B 11 -13.49 -11.92 2.72
C LEU B 11 -14.66 -12.28 3.59
N VAL B 12 -15.49 -11.30 3.91
CA VAL B 12 -16.64 -11.51 4.78
C VAL B 12 -17.72 -10.53 4.37
N LYS B 13 -18.97 -11.00 4.33
CA LYS B 13 -20.07 -10.10 3.96
C LYS B 13 -20.39 -9.21 5.13
N PRO B 14 -20.77 -7.95 4.86
CA PRO B 14 -21.11 -6.98 5.91
C PRO B 14 -21.99 -7.63 6.97
N GLY B 15 -21.85 -7.20 8.21
CA GLY B 15 -22.63 -7.78 9.28
C GLY B 15 -22.19 -9.19 9.61
N GLY B 16 -21.10 -9.65 9.00
CA GLY B 16 -20.59 -10.99 9.26
C GLY B 16 -19.71 -11.10 10.51
N SER B 17 -19.14 -12.28 10.72
CA SER B 17 -18.27 -12.51 11.88
C SER B 17 -17.01 -13.21 11.44
N LEU B 18 -15.92 -13.01 12.18
CA LEU B 18 -14.68 -13.66 11.83
C LEU B 18 -13.80 -13.71 13.06
N LYS B 19 -12.83 -14.61 13.07
CA LYS B 19 -11.93 -14.66 14.20
C LYS B 19 -10.49 -14.65 13.71
N LEU B 20 -9.74 -13.67 14.22
CA LEU B 20 -8.33 -13.51 13.91
C LEU B 20 -7.53 -14.15 15.05
N SER B 21 -6.32 -14.62 14.76
CA SER B 21 -5.51 -15.22 15.80
C SER B 21 -4.04 -14.93 15.58
N CYS B 22 -3.29 -14.95 16.68
CA CYS B 22 -1.87 -14.64 16.67
C CYS B 22 -1.03 -15.70 17.37
N ALA B 23 0.03 -16.14 16.70
CA ALA B 23 0.92 -17.13 17.27
C ALA B 23 2.14 -16.39 17.82
N ALA B 24 2.20 -16.31 19.15
CA ALA B 24 3.27 -15.62 19.82
C ALA B 24 4.45 -16.54 20.04
N SER B 25 5.63 -16.11 19.67
CA SER B 25 6.83 -16.93 19.84
C SER B 25 8.10 -16.16 20.23
N GLY B 26 9.06 -16.87 20.82
CA GLY B 26 10.31 -16.25 21.20
C GLY B 26 10.35 -15.42 22.47
N PHE B 27 9.27 -15.39 23.24
CA PHE B 27 9.26 -14.63 24.48
C PHE B 27 8.20 -15.18 25.41
N THR B 28 8.40 -14.97 26.71
CA THR B 28 7.45 -15.46 27.69
C THR B 28 6.13 -14.68 27.61
N PHE B 29 5.27 -15.18 26.74
CA PHE B 29 3.93 -14.66 26.43
C PHE B 29 3.04 -14.24 27.61
N SER B 30 3.05 -15.04 28.67
CA SER B 30 2.22 -14.78 29.84
C SER B 30 2.60 -13.54 30.61
N SER B 31 3.70 -12.89 30.22
CA SER B 31 4.16 -11.70 30.94
C SER B 31 3.76 -10.34 30.33
N TYR B 32 3.36 -10.35 29.07
CA TYR B 32 3.01 -9.11 28.39
C TYR B 32 1.55 -8.97 28.00
N GLY B 33 1.13 -7.72 27.85
CA GLY B 33 -0.22 -7.44 27.44
C GLY B 33 -0.14 -7.50 25.93
N MET B 34 -1.21 -7.97 25.29
CA MET B 34 -1.22 -8.09 23.84
C MET B 34 -2.27 -7.19 23.26
N SER B 35 -2.21 -6.94 21.95
CA SER B 35 -3.22 -6.09 21.32
C SER B 35 -3.30 -6.14 19.79
N TRP B 36 -4.43 -5.68 19.27
CA TRP B 36 -4.62 -5.61 17.84
C TRP B 36 -4.64 -4.16 17.38
N VAL B 37 -4.00 -3.92 16.23
CA VAL B 37 -3.93 -2.59 15.63
C VAL B 37 -4.23 -2.84 14.17
N ARG B 38 -5.10 -2.03 13.57
CA ARG B 38 -5.42 -2.19 12.16
C ARG B 38 -4.91 -0.96 11.39
N GLN B 39 -4.83 -1.08 10.07
CA GLN B 39 -4.33 0.03 9.28
C GLN B 39 -5.03 0.16 7.94
N THR B 40 -5.65 1.32 7.72
CA THR B 40 -6.35 1.60 6.47
C THR B 40 -5.55 2.64 5.72
N PRO B 41 -5.61 2.61 4.39
CA PRO B 41 -4.86 3.57 3.59
C PRO B 41 -5.36 5.01 3.76
N ASP B 42 -6.61 5.16 4.14
CA ASP B 42 -7.19 6.49 4.29
C ASP B 42 -7.24 7.03 5.72
N LYS B 43 -6.88 6.21 6.70
CA LYS B 43 -6.90 6.67 8.09
C LYS B 43 -5.77 6.13 8.97
N GLY B 44 -4.64 5.77 8.36
CA GLY B 44 -3.50 5.25 9.10
C GLY B 44 -3.75 4.19 10.16
N LEU B 45 -2.90 4.21 11.19
CA LEU B 45 -2.95 3.24 12.29
C LEU B 45 -4.06 3.52 13.27
N GLU B 46 -4.52 2.49 13.97
CA GLU B 46 -5.62 2.69 14.90
C GLU B 46 -5.75 1.54 15.89
N TRP B 47 -5.46 1.83 17.16
CA TRP B 47 -5.54 0.86 18.25
C TRP B 47 -6.93 0.24 18.24
N VAL B 48 -6.99 -1.09 18.15
CA VAL B 48 -8.28 -1.76 18.09
C VAL B 48 -8.70 -2.42 19.38
N ALA B 49 -7.72 -2.88 20.17
CA ALA B 49 -8.06 -3.53 21.43
C ALA B 49 -6.83 -4.02 22.15
N THR B 50 -6.94 -4.19 23.46
CA THR B 50 -5.82 -4.67 24.23
C THR B 50 -6.31 -5.61 25.34
N ILE B 51 -5.41 -6.47 25.79
CA ILE B 51 -5.72 -7.41 26.85
C ILE B 51 -4.47 -7.56 27.71
N SER B 52 -4.69 -7.68 29.02
CA SER B 52 -3.58 -7.80 29.99
C SER B 52 -2.93 -9.18 30.03
N SER B 53 -1.75 -9.24 30.65
CA SER B 53 -0.99 -10.49 30.77
C SER B 53 -1.84 -11.69 31.23
N GLY B 54 -2.47 -11.58 32.38
CA GLY B 54 -3.31 -12.67 32.87
C GLY B 54 -4.68 -12.63 32.21
N GLY B 55 -4.84 -11.70 31.27
CA GLY B 55 -6.09 -11.56 30.54
C GLY B 55 -7.32 -11.13 31.33
N SER B 56 -7.14 -10.69 32.58
CA SER B 56 -8.29 -10.29 33.39
C SER B 56 -8.89 -8.91 33.06
N TYR B 57 -8.07 -8.02 32.50
CA TYR B 57 -8.55 -6.70 32.14
C TYR B 57 -8.44 -6.55 30.62
N THR B 58 -9.46 -6.00 29.99
CA THR B 58 -9.46 -5.78 28.55
C THR B 58 -9.93 -4.35 28.26
N TYR B 59 -9.36 -3.74 27.21
CA TYR B 59 -9.73 -2.38 26.84
C TYR B 59 -9.91 -2.24 25.34
N TYR B 60 -11.04 -1.65 24.94
CA TYR B 60 -11.34 -1.44 23.53
C TYR B 60 -11.69 0.03 23.34
N PRO B 61 -11.57 0.54 22.12
CA PRO B 61 -11.96 1.94 21.95
C PRO B 61 -13.50 1.94 21.80
N ASP B 62 -14.13 3.12 21.71
CA ASP B 62 -15.59 3.15 21.63
C ASP B 62 -16.14 2.67 20.31
N ASN B 63 -15.48 3.05 19.20
CA ASN B 63 -15.97 2.66 17.89
C ASN B 63 -15.83 1.16 17.63
N VAL B 64 -15.60 0.39 18.68
CA VAL B 64 -15.45 -1.03 18.50
C VAL B 64 -16.14 -1.78 19.62
N LYS B 65 -16.10 -1.22 20.82
CA LYS B 65 -16.71 -1.83 22.00
C LYS B 65 -18.05 -2.50 21.69
N GLY B 66 -18.25 -3.68 22.24
CA GLY B 66 -19.49 -4.42 22.00
C GLY B 66 -19.32 -5.43 20.88
N ARG B 67 -18.89 -4.96 19.72
CA ARG B 67 -18.68 -5.85 18.58
C ARG B 67 -17.44 -6.71 18.73
N PHE B 68 -16.32 -6.10 19.12
CA PHE B 68 -15.05 -6.83 19.26
C PHE B 68 -14.79 -7.42 20.63
N THR B 69 -14.28 -8.66 20.63
CA THR B 69 -13.95 -9.35 21.86
C THR B 69 -12.51 -9.88 21.75
N ILE B 70 -11.60 -9.31 22.55
CA ILE B 70 -10.21 -9.77 22.53
C ILE B 70 -10.07 -10.85 23.61
N SER B 71 -9.05 -11.72 23.50
CA SER B 71 -8.84 -12.81 24.46
C SER B 71 -7.51 -13.52 24.20
N ARG B 72 -7.10 -14.40 25.10
CA ARG B 72 -5.84 -15.12 24.91
C ARG B 72 -5.80 -16.52 25.51
N ASP B 73 -4.73 -17.25 25.20
CA ASP B 73 -4.49 -18.59 25.72
C ASP B 73 -3.04 -18.57 26.10
N ASN B 74 -2.76 -18.36 27.38
CA ASN B 74 -1.39 -18.31 27.84
C ASN B 74 -0.76 -19.70 27.81
N ALA B 75 -1.60 -20.72 27.89
CA ALA B 75 -1.12 -22.09 27.84
C ALA B 75 -0.59 -22.37 26.44
N LYS B 76 -1.29 -21.87 25.42
CA LYS B 76 -0.92 -22.06 24.03
C LYS B 76 -0.14 -20.92 23.36
N ASN B 77 -0.04 -19.78 24.05
CA ASN B 77 0.69 -18.61 23.52
C ASN B 77 0.01 -18.01 22.29
N THR B 78 -1.32 -17.98 22.32
CA THR B 78 -2.06 -17.46 21.20
C THR B 78 -2.98 -16.31 21.59
N LEU B 79 -3.11 -15.35 20.70
CA LEU B 79 -3.96 -14.20 20.93
C LEU B 79 -5.09 -14.30 19.92
N TYR B 80 -6.28 -13.85 20.32
CA TYR B 80 -7.45 -13.93 19.45
C TYR B 80 -8.27 -12.64 19.38
N LEU B 81 -8.94 -12.44 18.26
CA LEU B 81 -9.80 -11.28 18.08
C LEU B 81 -11.11 -11.72 17.42
N GLN B 82 -12.16 -11.78 18.23
CA GLN B 82 -13.49 -12.16 17.76
C GLN B 82 -14.19 -10.90 17.26
N MET B 83 -14.73 -10.94 16.06
CA MET B 83 -15.42 -9.78 15.52
C MET B 83 -16.80 -10.18 15.01
N SER B 84 -17.78 -9.31 15.23
CA SER B 84 -19.15 -9.53 14.78
C SER B 84 -19.73 -8.20 14.31
N SER B 85 -20.91 -8.23 13.71
CA SER B 85 -21.53 -7.00 13.21
C SER B 85 -20.46 -6.27 12.41
N LEU B 86 -19.79 -7.00 11.53
CA LEU B 86 -18.72 -6.44 10.72
C LEU B 86 -19.20 -5.33 9.77
N LYS B 87 -18.39 -4.29 9.61
CA LYS B 87 -18.74 -3.17 8.73
C LYS B 87 -17.69 -2.88 7.66
N SER B 88 -18.09 -2.12 6.64
CA SER B 88 -17.21 -1.75 5.55
C SER B 88 -16.04 -0.93 6.06
N GLU B 89 -16.27 -0.22 7.16
CA GLU B 89 -15.24 0.61 7.76
C GLU B 89 -14.26 -0.23 8.58
N ASP B 90 -14.55 -1.52 8.71
CA ASP B 90 -13.67 -2.43 9.44
C ASP B 90 -12.63 -3.06 8.53
N THR B 91 -12.75 -2.74 7.24
CA THR B 91 -11.84 -3.24 6.22
C THR B 91 -10.48 -2.60 6.43
N ALA B 92 -9.50 -3.43 6.73
CA ALA B 92 -8.13 -2.98 6.95
C ALA B 92 -7.20 -4.16 7.15
N MET B 93 -5.94 -3.86 7.38
CA MET B 93 -4.93 -4.87 7.63
C MET B 93 -4.77 -4.86 9.13
N TYR B 94 -4.96 -6.01 9.77
CA TYR B 94 -4.84 -6.11 11.20
C TYR B 94 -3.49 -6.64 11.68
N TYR B 95 -2.89 -5.91 12.62
CA TYR B 95 -1.61 -6.29 13.18
C TYR B 95 -1.71 -6.77 14.60
N CYS B 96 -1.01 -7.85 14.87
CA CYS B 96 -0.92 -8.44 16.18
C CYS B 96 0.24 -7.63 16.77
N ALA B 97 0.09 -7.07 17.97
CA ALA B 97 1.18 -6.29 18.54
C ALA B 97 1.38 -6.49 20.03
N ARG B 98 2.64 -6.41 20.46
CA ARG B 98 2.97 -6.60 21.87
C ARG B 98 3.28 -5.30 22.63
N HIS B 99 2.81 -5.23 23.87
CA HIS B 99 3.04 -4.10 24.77
C HIS B 99 4.27 -4.50 25.58
N GLU B 100 5.13 -3.54 25.90
CA GLU B 100 6.32 -3.82 26.70
C GLU B 100 5.95 -3.88 28.19
N ASP B 101 4.67 -3.71 28.49
CA ASP B 101 4.21 -3.72 29.86
C ASP B 101 3.26 -4.88 30.17
N GLY B 102 3.12 -5.22 31.44
CA GLY B 102 2.26 -6.31 31.83
C GLY B 102 0.80 -6.06 31.48
N ASN B 103 0.46 -4.79 31.32
CA ASN B 103 -0.88 -4.37 30.95
C ASN B 103 -0.75 -3.69 29.60
N TRP B 104 -0.89 -2.37 29.56
CA TRP B 104 -0.74 -1.71 28.27
C TRP B 104 0.35 -0.67 28.28
N ASN B 105 0.77 -0.26 27.08
CA ASN B 105 1.84 0.71 26.95
C ASN B 105 2.00 0.99 25.48
N TYR B 106 3.24 1.13 25.05
CA TYR B 106 3.56 1.38 23.66
C TYR B 106 3.59 0.01 22.97
N PHE B 107 4.06 -0.03 21.73
CA PHE B 107 4.12 -1.28 21.00
C PHE B 107 5.56 -1.58 20.55
N ASP B 108 6.19 -2.61 21.09
CA ASP B 108 7.54 -2.93 20.67
C ASP B 108 7.62 -3.90 19.52
N TYR B 109 6.71 -4.87 19.49
CA TYR B 109 6.73 -5.86 18.43
C TYR B 109 5.43 -5.96 17.69
N TRP B 110 5.58 -6.14 16.37
CA TRP B 110 4.45 -6.20 15.44
C TRP B 110 4.54 -7.42 14.55
N GLY B 111 3.40 -8.07 14.32
CA GLY B 111 3.37 -9.23 13.43
C GLY B 111 3.50 -8.80 11.98
N GLN B 112 3.19 -9.68 11.03
CA GLN B 112 3.32 -9.32 9.62
C GLN B 112 2.00 -8.81 9.03
N GLY B 113 0.93 -8.93 9.81
CA GLY B 113 -0.37 -8.46 9.38
C GLY B 113 -1.22 -9.47 8.62
N THR B 114 -2.53 -9.28 8.70
CA THR B 114 -3.48 -10.13 8.02
C THR B 114 -4.57 -9.18 7.56
N THR B 115 -5.02 -9.33 6.32
CA THR B 115 -6.02 -8.44 5.78
C THR B 115 -7.46 -8.91 5.92
N LEU B 116 -8.31 -7.96 6.25
CA LEU B 116 -9.71 -8.23 6.42
C LEU B 116 -10.46 -7.36 5.43
N THR B 117 -11.36 -7.94 4.67
CA THR B 117 -12.11 -7.16 3.71
C THR B 117 -13.58 -7.42 4.01
N VAL B 118 -14.37 -6.36 4.09
CA VAL B 118 -15.79 -6.52 4.35
C VAL B 118 -16.57 -5.99 3.15
N SER B 119 -17.21 -6.90 2.42
CA SER B 119 -17.95 -6.52 1.24
C SER B 119 -18.99 -7.55 0.76
N SER B 120 -19.84 -7.11 -0.16
CA SER B 120 -20.88 -7.95 -0.73
C SER B 120 -20.34 -8.64 -1.98
N ALA B 121 -19.28 -8.07 -2.54
CA ALA B 121 -18.66 -8.59 -3.76
C ALA B 121 -18.32 -10.05 -3.60
N LYS B 122 -18.39 -10.78 -4.71
CA LYS B 122 -18.09 -12.21 -4.69
C LYS B 122 -16.72 -12.46 -5.30
N THR B 123 -16.06 -13.51 -4.81
CA THR B 123 -14.75 -13.85 -5.31
C THR B 123 -14.88 -14.10 -6.81
N THR B 124 -14.01 -13.47 -7.59
CA THR B 124 -14.03 -13.60 -9.04
C THR B 124 -12.61 -13.69 -9.56
N PRO B 125 -12.33 -14.70 -10.38
CA PRO B 125 -10.96 -14.72 -10.86
C PRO B 125 -10.87 -13.56 -11.86
N PRO B 126 -9.65 -13.06 -12.12
CA PRO B 126 -9.48 -11.94 -13.05
C PRO B 126 -9.35 -12.39 -14.49
N SER B 127 -9.51 -11.42 -15.40
CA SER B 127 -9.34 -11.67 -16.82
C SER B 127 -7.95 -11.10 -17.13
N VAL B 128 -7.19 -11.77 -17.98
CA VAL B 128 -5.85 -11.30 -18.28
C VAL B 128 -5.60 -11.03 -19.75
N TYR B 129 -5.52 -9.76 -20.11
CA TYR B 129 -5.31 -9.38 -21.49
C TYR B 129 -3.89 -8.93 -21.73
N PRO B 130 -3.18 -9.63 -22.63
CA PRO B 130 -1.79 -9.34 -22.99
C PRO B 130 -1.70 -8.00 -23.69
N LEU B 131 -0.69 -7.22 -23.34
CA LEU B 131 -0.55 -5.92 -23.97
C LEU B 131 0.74 -5.82 -24.77
N ALA B 132 0.59 -5.90 -26.10
CA ALA B 132 1.73 -5.84 -26.99
C ALA B 132 1.70 -4.55 -27.80
N PRO B 133 2.83 -4.18 -28.41
CA PRO B 133 2.99 -2.98 -29.24
C PRO B 133 2.53 -3.27 -30.66
N GLY B 134 1.86 -2.29 -31.28
CA GLY B 134 1.38 -2.46 -32.64
C GLY B 134 2.44 -2.28 -33.75
N SER B 141 16.08 0.85 -28.93
CA SER B 141 17.00 0.04 -28.14
C SER B 141 16.29 -1.08 -27.37
N MET B 142 15.16 -0.77 -26.74
CA MET B 142 14.40 -1.75 -25.95
C MET B 142 12.90 -1.52 -25.83
N VAL B 143 12.14 -2.54 -26.21
CA VAL B 143 10.67 -2.53 -26.20
C VAL B 143 10.05 -2.70 -24.81
N THR B 144 8.81 -2.21 -24.66
CA THR B 144 8.07 -2.28 -23.41
C THR B 144 6.71 -2.94 -23.61
N LEU B 145 6.53 -4.09 -22.96
CA LEU B 145 5.30 -4.85 -23.03
C LEU B 145 4.45 -4.69 -21.77
N GLY B 146 3.18 -5.06 -21.89
CA GLY B 146 2.28 -4.93 -20.77
C GLY B 146 1.39 -6.13 -20.57
N CYS B 147 0.46 -6.01 -19.64
CA CYS B 147 -0.45 -7.09 -19.29
C CYS B 147 -1.51 -6.45 -18.38
N LEU B 148 -2.78 -6.62 -18.77
CA LEU B 148 -3.88 -6.04 -18.03
C LEU B 148 -4.67 -7.06 -17.23
N VAL B 149 -4.69 -6.91 -15.91
CA VAL B 149 -5.44 -7.83 -15.05
C VAL B 149 -6.69 -7.07 -14.60
N LYS B 150 -7.81 -7.39 -15.24
CA LYS B 150 -9.04 -6.69 -15.00
C LYS B 150 -10.23 -7.50 -14.50
N GLY B 151 -11.01 -6.85 -13.64
CA GLY B 151 -12.22 -7.43 -13.09
C GLY B 151 -12.11 -8.60 -12.17
N TYR B 152 -11.29 -8.50 -11.13
CA TYR B 152 -11.18 -9.58 -10.17
C TYR B 152 -11.57 -9.04 -8.78
N PHE B 153 -11.59 -9.92 -7.79
CA PHE B 153 -11.93 -9.54 -6.42
C PHE B 153 -11.89 -10.76 -5.52
N PRO B 154 -11.29 -10.64 -4.34
CA PRO B 154 -10.63 -9.44 -3.79
C PRO B 154 -9.11 -9.50 -3.96
N GLU B 155 -8.42 -8.46 -3.49
CA GLU B 155 -6.96 -8.42 -3.54
C GLU B 155 -6.46 -9.59 -2.71
N PRO B 156 -5.23 -10.04 -2.95
CA PRO B 156 -4.30 -9.52 -3.95
C PRO B 156 -4.26 -10.38 -5.19
N VAL B 157 -3.42 -9.98 -6.12
CA VAL B 157 -3.19 -10.72 -7.33
C VAL B 157 -1.70 -10.67 -7.39
N THR B 158 -1.05 -11.78 -7.71
CA THR B 158 0.40 -11.78 -7.79
C THR B 158 0.80 -11.79 -9.25
N VAL B 159 1.53 -10.77 -9.69
CA VAL B 159 1.95 -10.70 -11.08
C VAL B 159 3.46 -10.80 -11.26
N THR B 160 3.89 -11.84 -11.94
CA THR B 160 5.31 -12.05 -12.21
C THR B 160 5.48 -12.19 -13.72
N TRP B 161 6.70 -11.99 -14.22
CA TRP B 161 6.95 -12.15 -15.65
C TRP B 161 7.93 -13.27 -15.88
N ASN B 162 7.53 -14.26 -16.66
CA ASN B 162 8.39 -15.41 -16.93
C ASN B 162 8.74 -16.11 -15.63
N SER B 163 7.72 -16.31 -14.78
CA SER B 163 7.87 -16.98 -13.49
C SER B 163 8.89 -16.30 -12.56
N GLY B 164 9.27 -15.07 -12.88
CA GLY B 164 10.22 -14.36 -12.06
C GLY B 164 11.56 -14.17 -12.72
N SER B 165 11.77 -14.85 -13.86
CA SER B 165 13.02 -14.72 -14.60
C SER B 165 13.32 -13.26 -14.92
N LEU B 166 12.30 -12.48 -15.27
CA LEU B 166 12.48 -11.05 -15.55
C LEU B 166 12.22 -10.26 -14.27
N SER B 167 13.21 -9.48 -13.84
CA SER B 167 13.09 -8.70 -12.62
C SER B 167 13.20 -7.22 -12.93
N SER B 168 14.29 -6.87 -13.60
CA SER B 168 14.60 -5.50 -13.95
C SER B 168 13.54 -4.81 -14.81
N GLY B 169 13.26 -3.55 -14.47
CA GLY B 169 12.31 -2.76 -15.21
C GLY B 169 10.89 -3.28 -15.24
N VAL B 170 10.42 -3.79 -14.11
CA VAL B 170 9.06 -4.30 -14.04
C VAL B 170 8.27 -3.35 -13.19
N HIS B 171 7.12 -2.95 -13.70
CA HIS B 171 6.26 -2.05 -12.97
C HIS B 171 4.87 -2.60 -12.80
N THR B 172 4.53 -2.89 -11.55
CA THR B 172 3.20 -3.36 -11.25
C THR B 172 2.55 -2.22 -10.45
N PHE B 173 1.46 -1.68 -11.00
CA PHE B 173 0.73 -0.58 -10.39
C PHE B 173 -0.41 -1.08 -9.53
N PRO B 174 -0.63 -0.44 -8.37
CA PRO B 174 -1.69 -0.80 -7.43
C PRO B 174 -3.04 -0.98 -8.09
N ALA B 175 -3.88 -1.75 -7.40
CA ALA B 175 -5.22 -2.05 -7.88
C ALA B 175 -6.10 -0.82 -7.74
N VAL B 176 -7.27 -0.86 -8.36
CA VAL B 176 -8.23 0.23 -8.31
C VAL B 176 -9.66 -0.32 -8.40
N LEU B 177 -10.49 -0.01 -7.41
CA LEU B 177 -11.88 -0.43 -7.42
C LEU B 177 -12.58 0.46 -8.44
N GLN B 178 -13.21 -0.13 -9.44
CA GLN B 178 -13.87 0.68 -10.45
C GLN B 178 -15.37 0.42 -10.55
N SER B 179 -15.75 -0.85 -10.62
CA SER B 179 -17.15 -1.17 -10.73
C SER B 179 -17.53 -2.07 -9.58
N ASP B 180 -16.65 -2.13 -8.58
CA ASP B 180 -16.80 -2.97 -7.38
C ASP B 180 -15.96 -4.25 -7.59
N LEU B 181 -14.99 -4.13 -8.50
CA LEU B 181 -14.01 -5.19 -8.83
C LEU B 181 -12.67 -4.49 -9.08
N TYR B 182 -11.58 -5.12 -8.67
CA TYR B 182 -10.27 -4.51 -8.84
C TYR B 182 -9.70 -4.62 -10.24
N THR B 183 -8.69 -3.81 -10.51
CA THR B 183 -8.01 -3.82 -11.80
C THR B 183 -6.59 -3.31 -11.60
N LEU B 184 -5.64 -4.00 -12.24
CA LEU B 184 -4.26 -3.57 -12.17
C LEU B 184 -3.58 -3.99 -13.45
N SER B 185 -2.44 -3.37 -13.71
CA SER B 185 -1.70 -3.69 -14.92
C SER B 185 -0.23 -3.74 -14.57
N SER B 186 0.58 -4.26 -15.47
CA SER B 186 2.00 -4.34 -15.22
C SER B 186 2.75 -4.19 -16.51
N SER B 187 3.85 -3.47 -16.45
CA SER B 187 4.66 -3.27 -17.64
C SER B 187 6.03 -3.86 -17.41
N VAL B 188 6.72 -4.15 -18.50
CA VAL B 188 8.07 -4.68 -18.41
C VAL B 188 8.83 -4.17 -19.64
N THR B 189 10.11 -3.87 -19.44
CA THR B 189 10.95 -3.40 -20.52
C THR B 189 12.03 -4.43 -20.80
N VAL B 190 12.18 -4.77 -22.07
CA VAL B 190 13.18 -5.75 -22.48
C VAL B 190 13.92 -5.23 -23.68
N PRO B 191 15.12 -5.78 -23.95
CA PRO B 191 15.89 -5.33 -25.11
C PRO B 191 15.10 -5.62 -26.38
N SER B 192 15.19 -4.73 -27.35
CA SER B 192 14.48 -4.87 -28.61
C SER B 192 14.82 -6.16 -29.36
N SER B 193 15.98 -6.73 -29.04
CA SER B 193 16.43 -7.95 -29.67
C SER B 193 15.75 -9.19 -29.06
N THR B 194 15.60 -9.18 -27.75
CA THR B 194 15.00 -10.30 -27.03
C THR B 194 13.50 -10.50 -27.28
N TRP B 195 12.94 -9.79 -28.26
CA TRP B 195 11.52 -9.93 -28.58
C TRP B 195 11.24 -9.47 -30.01
N PRO B 196 10.34 -10.17 -30.70
CA PRO B 196 9.59 -11.34 -30.25
C PRO B 196 10.32 -12.66 -30.50
N SER B 197 11.64 -12.63 -30.39
CA SER B 197 12.49 -13.81 -30.59
C SER B 197 12.34 -14.74 -29.38
N GLU B 198 12.63 -14.17 -28.20
CA GLU B 198 12.51 -14.88 -26.93
C GLU B 198 11.05 -14.65 -26.50
N THR B 199 10.40 -15.62 -25.87
CA THR B 199 9.01 -15.38 -25.49
C THR B 199 8.91 -14.60 -24.18
N VAL B 200 7.78 -13.95 -23.99
CA VAL B 200 7.53 -13.18 -22.77
C VAL B 200 6.12 -13.49 -22.29
N THR B 201 5.99 -13.77 -21.00
CA THR B 201 4.70 -14.11 -20.42
C THR B 201 4.50 -13.53 -19.04
N CYS B 202 3.30 -13.01 -18.80
CA CYS B 202 2.98 -12.51 -17.46
C CYS B 202 2.11 -13.59 -16.89
N ASN B 203 2.43 -14.00 -15.68
CA ASN B 203 1.66 -15.01 -15.02
C ASN B 203 0.94 -14.27 -13.91
N VAL B 204 -0.38 -14.48 -13.85
CA VAL B 204 -1.19 -13.85 -12.83
C VAL B 204 -1.86 -14.90 -11.97
N ALA B 205 -1.50 -14.90 -10.70
CA ALA B 205 -2.06 -15.84 -9.74
C ALA B 205 -3.03 -15.09 -8.83
N HIS B 206 -4.20 -15.66 -8.64
CA HIS B 206 -5.23 -15.08 -7.80
C HIS B 206 -5.59 -16.19 -6.82
N PRO B 207 -4.93 -16.22 -5.66
CA PRO B 207 -5.20 -17.25 -4.66
C PRO B 207 -6.65 -17.32 -4.18
N ALA B 208 -7.34 -16.18 -4.10
CA ALA B 208 -8.72 -16.16 -3.64
C ALA B 208 -9.64 -17.11 -4.44
N SER B 209 -9.30 -17.34 -5.70
CA SER B 209 -10.11 -18.22 -6.55
C SER B 209 -9.27 -19.37 -7.06
N SER B 210 -8.16 -19.63 -6.37
CA SER B 210 -7.25 -20.71 -6.71
C SER B 210 -6.95 -20.75 -8.20
N THR B 211 -7.04 -19.57 -8.82
CA THR B 211 -6.79 -19.39 -10.23
C THR B 211 -5.36 -18.88 -10.45
N LYS B 212 -4.79 -19.22 -11.59
CA LYS B 212 -3.46 -18.77 -11.95
C LYS B 212 -3.35 -18.91 -13.46
N VAL B 213 -3.23 -17.78 -14.15
CA VAL B 213 -3.14 -17.77 -15.61
C VAL B 213 -1.76 -17.35 -16.10
N ASP B 214 -1.41 -17.78 -17.31
CA ASP B 214 -0.14 -17.43 -17.89
C ASP B 214 -0.40 -16.96 -19.29
N LYS B 215 -0.33 -15.64 -19.49
CA LYS B 215 -0.57 -15.08 -20.80
C LYS B 215 0.74 -14.67 -21.46
N LYS B 216 0.97 -15.21 -22.65
CA LYS B 216 2.17 -14.91 -23.41
C LYS B 216 1.95 -13.68 -24.29
N ILE B 217 2.93 -12.79 -24.32
CA ILE B 217 2.79 -11.59 -25.12
C ILE B 217 3.34 -11.88 -26.50
N VAL B 218 2.56 -11.56 -27.51
CA VAL B 218 2.98 -11.78 -28.89
C VAL B 218 2.65 -10.55 -29.73
N PRO B 219 3.41 -10.35 -30.81
CA PRO B 219 3.17 -9.20 -31.69
C PRO B 219 1.79 -9.32 -32.30
N ARG B 220 1.00 -8.25 -32.21
CA ARG B 220 -0.36 -8.24 -32.75
C ARG B 220 -0.44 -8.37 -34.29
#